data_4RSP
#
_entry.id   4RSP
#
_cell.length_a   106.490
_cell.length_b   57.312
_cell.length_c   48.879
_cell.angle_alpha   90.00
_cell.angle_beta   112.78
_cell.angle_gamma   90.00
#
_symmetry.space_group_name_H-M   'C 1 2 1'
#
loop_
_entity.id
_entity.type
_entity.pdbx_description
1 polymer 'Orf1a protein'
2 polymer 'Peptide inhibitor'
3 water water
#
loop_
_entity_poly.entity_id
_entity_poly.type
_entity_poly.pdbx_seq_one_letter_code
_entity_poly.pdbx_strand_id
1 'polypeptide(L)'
;SGLVKMSHPSGDVEACMVQVTCGSMTLNGLWLDNTVWCPRHVMCPADQLSDPNYDALLISMTNHSFSVQKHIGAPANLRV
VGHAMQGTLLKLTVDVANPSTPAYTFTTVKPGAAFSVLACYNGRPTGTFTVVMRPNYTIKGSFL(CSO)GSCGSVGYTKE
GSVINFCYMHQMELANGTHTGSAFDGTMYGAFMDKQVHQVQLTDKYCSVNVVAWLYAAILNGCAWFVKPNRTSVVSFNEW
ALANQFTEFVGTQSVDMLAVKTGVAIEQLLYAIQQLYTGFQGKQILGSTMLEDEFTPEDVNMQIMGVVMQ
;
A
2 'polypeptide(L)' (BOC)SVL(CEV) B
#
# COMPACT_ATOMS: atom_id res chain seq x y z
N SER A 1 15.11 -15.20 14.45
CA SER A 1 14.45 -15.79 13.28
C SER A 1 12.94 -15.58 13.34
N GLY A 2 12.28 -16.02 12.28
CA GLY A 2 10.85 -15.86 12.10
C GLY A 2 10.56 -14.78 11.06
N LEU A 3 9.51 -14.98 10.28
CA LEU A 3 9.05 -14.02 9.25
C LEU A 3 7.58 -13.73 9.48
N VAL A 4 7.25 -12.46 9.76
CA VAL A 4 5.86 -12.09 9.98
C VAL A 4 5.54 -10.81 9.19
N LYS A 5 4.25 -10.54 9.03
CA LYS A 5 3.78 -9.25 8.52
C LYS A 5 4.15 -8.13 9.50
N MET A 6 5.15 -7.35 9.12
CA MET A 6 5.75 -6.31 9.97
C MET A 6 5.46 -4.91 9.40
N SER A 7 4.99 -3.99 10.23
CA SER A 7 4.76 -2.58 9.88
C SER A 7 5.76 -1.67 10.56
N HIS A 8 5.97 -0.46 10.03
CA HIS A 8 6.83 0.50 10.70
C HIS A 8 6.15 0.94 11.99
N PRO A 9 6.94 1.38 12.98
CA PRO A 9 6.33 2.04 14.13
C PRO A 9 5.60 3.27 13.62
N SER A 10 4.42 3.55 14.12
CA SER A 10 3.57 4.54 13.45
C SER A 10 3.57 5.91 14.13
N GLY A 11 4.30 6.07 15.21
CA GLY A 11 4.19 7.28 16.01
C GLY A 11 4.46 8.57 15.23
N ASP A 12 5.49 8.58 14.40
CA ASP A 12 5.83 9.77 13.62
C ASP A 12 4.67 10.21 12.73
N VAL A 13 3.96 9.24 12.17
CA VAL A 13 2.84 9.55 11.25
C VAL A 13 1.55 9.88 12.03
N GLU A 14 1.33 9.22 13.18
CA GLU A 14 0.23 9.57 14.08
C GLU A 14 0.19 11.07 14.39
N ALA A 15 1.36 11.68 14.53
CA ALA A 15 1.46 13.08 14.94
C ALA A 15 1.09 14.02 13.79
N CYS A 16 0.90 13.46 12.60
CA CYS A 16 0.51 14.22 11.40
C CYS A 16 -0.95 14.08 11.00
N MET A 17 -1.69 13.20 11.68
CA MET A 17 -3.08 12.95 11.33
C MET A 17 -4.06 13.97 11.91
N VAL A 18 -4.97 14.43 11.06
CA VAL A 18 -6.02 15.36 11.48
C VAL A 18 -7.37 14.94 10.90
N GLN A 19 -8.44 15.59 11.38
CA GLN A 19 -9.80 15.41 10.85
C GLN A 19 -10.11 16.59 9.95
N VAL A 20 -10.67 16.30 8.79
CA VAL A 20 -11.13 17.35 7.88
C VAL A 20 -12.63 17.24 7.66
N THR A 21 -13.34 18.35 7.80
CA THR A 21 -14.78 18.36 7.61
C THR A 21 -15.17 19.39 6.56
N CYS A 22 -16.04 18.99 5.64
CA CYS A 22 -16.61 19.88 4.61
C CYS A 22 -18.06 19.48 4.42
N GLY A 23 -19.00 20.41 4.59
CA GLY A 23 -20.39 20.10 4.30
C GLY A 23 -20.93 18.98 5.17
N SER A 24 -21.32 17.89 4.52
CA SER A 24 -21.91 16.77 5.20
C SER A 24 -20.93 15.59 5.19
N MET A 25 -19.63 15.90 5.15
CA MET A 25 -18.62 14.84 5.07
C MET A 25 -17.45 15.11 5.99
N THR A 26 -16.95 14.07 6.64
CA THR A 26 -15.78 14.24 7.48
C THR A 26 -14.88 13.04 7.21
N LEU A 27 -13.59 13.28 7.21
CA LEU A 27 -12.61 12.21 6.97
C LEU A 27 -11.24 12.62 7.53
N ASN A 28 -10.19 11.85 7.21
CA ASN A 28 -8.86 12.10 7.70
C ASN A 28 -8.02 12.90 6.72
N GLY A 29 -7.09 13.68 7.29
CA GLY A 29 -6.11 14.38 6.50
C GLY A 29 -4.72 14.22 7.06
N LEU A 30 -3.73 14.57 6.24
CA LEU A 30 -2.31 14.52 6.57
C LEU A 30 -1.73 15.94 6.64
N TRP A 31 -1.22 16.32 7.81
CA TRP A 31 -0.71 17.67 8.08
C TRP A 31 0.81 17.65 8.07
N LEU A 32 1.39 18.26 7.03
CA LEU A 32 2.83 18.39 6.87
C LEU A 32 3.12 19.84 6.61
N ASP A 33 4.06 20.42 7.35
CA ASP A 33 4.39 21.84 7.18
C ASP A 33 3.08 22.64 7.34
N ASN A 34 2.77 23.53 6.39
CA ASN A 34 1.52 24.30 6.43
C ASN A 34 0.44 23.70 5.51
N THR A 35 0.58 22.42 5.14
CA THR A 35 -0.32 21.81 4.19
C THR A 35 -1.10 20.67 4.83
N VAL A 36 -2.38 20.58 4.49
CA VAL A 36 -3.19 19.42 4.88
C VAL A 36 -3.73 18.79 3.62
N TRP A 37 -3.36 17.54 3.41
CA TRP A 37 -3.84 16.76 2.28
C TRP A 37 -5.05 15.93 2.66
N CYS A 38 -6.01 15.82 1.76
CA CYS A 38 -7.13 14.93 2.02
C CYS A 38 -7.83 14.61 0.70
N PRO A 39 -8.63 13.54 0.66
CA PRO A 39 -9.37 13.24 -0.56
C PRO A 39 -10.33 14.32 -0.92
N ARG A 40 -10.48 14.56 -2.22
CA ARG A 40 -11.31 15.64 -2.67
C ARG A 40 -12.81 15.30 -2.52
N HIS A 41 -13.17 14.03 -2.32
CA HIS A 41 -14.60 13.70 -2.18
C HIS A 41 -15.17 14.19 -0.86
N VAL A 42 -14.35 14.80 0.00
CA VAL A 42 -14.86 15.44 1.18
C VAL A 42 -15.79 16.60 0.77
N MET A 43 -15.60 17.08 -0.43
CA MET A 43 -16.44 18.14 -1.00
C MET A 43 -17.82 17.68 -1.48
N CYS A 44 -17.97 16.38 -1.72
CA CYS A 44 -19.19 15.90 -2.37
CA CYS A 44 -19.20 15.83 -2.33
C CYS A 44 -20.35 15.80 -1.36
N PRO A 45 -21.54 16.24 -1.79
CA PRO A 45 -22.65 16.02 -0.86
C PRO A 45 -22.85 14.54 -0.62
N ALA A 46 -23.08 14.18 0.64
CA ALA A 46 -23.04 12.80 1.10
C ALA A 46 -24.05 11.92 0.35
N ASP A 47 -25.00 12.55 -0.32
CA ASP A 47 -25.97 11.82 -1.15
C ASP A 47 -25.80 12.02 -2.66
N GLN A 48 -24.66 12.55 -3.08
CA GLN A 48 -24.36 12.80 -4.51
C GLN A 48 -23.10 12.06 -4.96
N LEU A 49 -22.83 10.90 -4.37
CA LEU A 49 -21.55 10.26 -4.56
C LEU A 49 -21.38 9.53 -5.89
N SER A 50 -22.45 9.37 -6.66
CA SER A 50 -22.29 8.81 -7.98
C SER A 50 -22.06 10.01 -8.90
N ASP A 51 -21.20 9.84 -9.88
CA ASP A 51 -20.73 10.95 -10.74
C ASP A 51 -20.80 12.39 -10.17
N PRO A 52 -19.90 12.74 -9.24
CA PRO A 52 -19.74 14.15 -8.87
C PRO A 52 -19.00 14.97 -9.92
N ASN A 53 -19.30 16.26 -9.99
CA ASN A 53 -18.54 17.21 -10.79
C ASN A 53 -17.58 17.95 -9.88
N TYR A 54 -16.35 17.44 -9.76
CA TYR A 54 -15.44 18.01 -8.77
C TYR A 54 -15.00 19.43 -9.11
N ASP A 55 -14.93 19.76 -10.40
CA ASP A 55 -14.52 21.10 -10.78
C ASP A 55 -15.57 22.10 -10.29
N ALA A 56 -16.84 21.76 -10.51
CA ALA A 56 -17.94 22.57 -10.04
C ALA A 56 -18.00 22.63 -8.52
N LEU A 57 -17.70 21.52 -7.85
CA LEU A 57 -17.76 21.57 -6.41
C LEU A 57 -16.67 22.52 -5.88
N LEU A 58 -15.49 22.46 -6.49
CA LEU A 58 -14.36 23.23 -6.02
C LEU A 58 -14.65 24.73 -6.07
N ILE A 59 -15.19 25.19 -7.20
CA ILE A 59 -15.42 26.62 -7.36
C ILE A 59 -16.51 27.10 -6.40
N SER A 60 -17.38 26.20 -5.97
CA SER A 60 -18.40 26.55 -5.01
C SER A 60 -17.86 26.63 -3.59
N MET A 61 -16.62 26.21 -3.36
CA MET A 61 -16.01 26.26 -2.01
C MET A 61 -15.30 27.59 -1.73
N THR A 62 -15.18 27.93 -0.44
CA THR A 62 -14.26 28.95 0.04
C THR A 62 -13.41 28.34 1.18
N ASN A 63 -12.48 29.12 1.72
CA ASN A 63 -11.68 28.62 2.85
C ASN A 63 -12.58 28.27 4.02
N HIS A 64 -13.69 28.99 4.13
CA HIS A 64 -14.65 28.82 5.20
C HIS A 64 -15.38 27.48 5.11
N SER A 65 -15.30 26.85 3.95
CA SER A 65 -16.00 25.60 3.70
C SER A 65 -15.33 24.40 4.40
N PHE A 66 -14.12 24.60 4.91
CA PHE A 66 -13.34 23.52 5.50
C PHE A 66 -13.01 23.78 6.97
N SER A 67 -13.02 22.71 7.76
CA SER A 67 -12.58 22.80 9.12
C SER A 67 -11.58 21.67 9.32
N VAL A 68 -10.45 21.99 9.96
CA VAL A 68 -9.40 21.02 10.25
C VAL A 68 -9.15 20.97 11.75
N GLN A 69 -9.33 19.79 12.33
CA GLN A 69 -9.18 19.58 13.77
CA GLN A 69 -9.17 19.59 13.77
C GLN A 69 -8.11 18.55 14.05
N LYS A 70 -7.20 18.89 14.95
CA LYS A 70 -6.23 17.91 15.45
C LYS A 70 -6.75 17.41 16.80
N HIS A 71 -6.74 16.09 16.98
CA HIS A 71 -7.19 15.44 18.21
C HIS A 71 -6.03 14.88 19.01
N ILE A 72 -5.02 14.39 18.30
CA ILE A 72 -3.85 13.75 18.90
C ILE A 72 -3.08 14.76 19.74
N GLY A 73 -2.52 14.29 20.86
CA GLY A 73 -2.00 15.19 21.87
C GLY A 73 -3.15 16.02 22.41
N ALA A 74 -3.05 17.33 22.30
CA ALA A 74 -4.11 18.22 22.78
C ALA A 74 -4.83 18.88 21.61
N PRO A 75 -6.17 18.96 21.69
CA PRO A 75 -6.91 19.45 20.52
C PRO A 75 -6.48 20.83 20.02
N ALA A 76 -6.59 21.04 18.71
CA ALA A 76 -6.36 22.33 18.11
C ALA A 76 -7.15 22.42 16.81
N ASN A 77 -7.78 23.55 16.57
CA ASN A 77 -8.38 23.80 15.27
C ASN A 77 -7.38 24.56 14.40
N LEU A 78 -7.21 24.10 13.16
CA LEU A 78 -6.18 24.64 12.29
C LEU A 78 -6.82 25.48 11.21
N ARG A 79 -6.70 26.79 11.32
CA ARG A 79 -7.35 27.70 10.37
C ARG A 79 -6.89 27.52 8.92
N VAL A 80 -7.86 27.31 8.03
CA VAL A 80 -7.63 27.13 6.60
C VAL A 80 -7.52 28.48 5.90
N VAL A 81 -6.40 28.73 5.23
CA VAL A 81 -6.17 30.03 4.56
C VAL A 81 -5.96 29.88 3.05
N GLY A 82 -6.13 28.67 2.55
CA GLY A 82 -6.04 28.40 1.12
C GLY A 82 -6.57 27.00 0.82
N HIS A 83 -7.11 26.82 -0.39
CA HIS A 83 -7.53 25.49 -0.84
C HIS A 83 -7.24 25.32 -2.33
N ALA A 84 -6.76 24.14 -2.70
CA ALA A 84 -6.46 23.82 -4.08
C ALA A 84 -6.74 22.34 -4.34
N MET A 85 -6.96 21.97 -5.60
CA MET A 85 -7.20 20.58 -5.98
C MET A 85 -6.04 20.08 -6.82
N GLN A 86 -5.54 18.89 -6.51
CA GLN A 86 -4.48 18.26 -7.26
C GLN A 86 -4.91 16.82 -7.51
N GLY A 87 -5.34 16.55 -8.73
CA GLY A 87 -5.95 15.28 -9.09
C GLY A 87 -7.10 14.96 -8.16
N THR A 88 -6.99 13.83 -7.47
CA THR A 88 -8.09 13.36 -6.61
C THR A 88 -7.87 13.76 -5.14
N LEU A 89 -6.96 14.68 -4.87
CA LEU A 89 -6.71 15.20 -3.54
C LEU A 89 -6.99 16.70 -3.48
N LEU A 90 -7.34 17.15 -2.28
CA LEU A 90 -7.24 18.56 -1.92
C LEU A 90 -5.96 18.83 -1.17
N LYS A 91 -5.40 19.98 -1.48
CA LYS A 91 -4.31 20.57 -0.71
CA LYS A 91 -4.31 20.55 -0.71
C LYS A 91 -4.82 21.79 0.03
N LEU A 92 -5.03 21.64 1.33
CA LEU A 92 -5.45 22.79 2.16
C LEU A 92 -4.23 23.47 2.78
N THR A 93 -4.17 24.79 2.72
CA THR A 93 -3.11 25.52 3.42
C THR A 93 -3.69 26.00 4.74
N VAL A 94 -2.95 25.76 5.81
CA VAL A 94 -3.36 26.19 7.14
C VAL A 94 -2.34 27.21 7.70
N ASP A 95 -2.73 27.99 8.70
CA ASP A 95 -1.92 29.12 9.12
C ASP A 95 -0.88 28.74 10.17
N VAL A 96 -0.79 27.44 10.49
CA VAL A 96 0.26 26.97 11.39
C VAL A 96 0.97 25.78 10.81
N ALA A 97 2.30 25.77 10.97
CA ALA A 97 3.12 24.66 10.50
C ALA A 97 3.14 23.57 11.56
N ASN A 98 2.98 22.32 11.14
CA ASN A 98 3.04 21.18 12.06
C ASN A 98 4.43 21.11 12.69
N PRO A 99 4.50 21.31 14.02
CA PRO A 99 5.83 21.31 14.67
C PRO A 99 6.46 19.91 14.73
N SER A 100 5.66 18.89 14.44
CA SER A 100 6.09 17.50 14.43
C SER A 100 6.26 16.95 13.00
N THR A 101 6.37 17.81 12.00
CA THR A 101 6.57 17.35 10.64
C THR A 101 7.87 16.51 10.58
N PRO A 102 7.79 15.25 10.12
CA PRO A 102 9.01 14.45 9.95
C PRO A 102 9.80 14.86 8.71
N ALA A 103 11.04 14.40 8.61
CA ALA A 103 11.72 14.40 7.33
C ALA A 103 10.90 13.52 6.40
N TYR A 104 10.57 13.98 5.20
CA TYR A 104 9.73 13.18 4.32
C TYR A 104 9.91 13.43 2.86
N THR A 105 9.42 12.48 2.07
CA THR A 105 9.32 12.56 0.64
C THR A 105 7.96 12.01 0.21
N PHE A 106 7.66 12.18 -1.08
CA PHE A 106 6.52 11.52 -1.70
C PHE A 106 7.03 10.55 -2.73
N THR A 107 6.47 9.36 -2.79
CA THR A 107 6.81 8.41 -3.83
C THR A 107 5.60 7.65 -4.31
N THR A 108 5.72 7.06 -5.49
CA THR A 108 4.68 6.21 -6.04
C THR A 108 5.20 4.77 -6.04
N VAL A 109 4.53 3.86 -5.32
CA VAL A 109 4.94 2.46 -5.29
C VAL A 109 4.44 1.66 -6.49
N LYS A 110 5.20 0.62 -6.83
CA LYS A 110 4.90 -0.25 -7.96
C LYS A 110 4.39 -1.59 -7.49
N PRO A 111 3.73 -2.35 -8.39
CA PRO A 111 3.24 -3.66 -7.98
C PRO A 111 4.33 -4.54 -7.35
N GLY A 112 4.01 -5.24 -6.28
CA GLY A 112 4.97 -6.08 -5.58
C GLY A 112 5.60 -5.41 -4.37
N ALA A 113 5.60 -4.07 -4.35
CA ALA A 113 6.18 -3.29 -3.26
C ALA A 113 5.27 -3.27 -2.03
N ALA A 114 5.88 -3.36 -0.85
CA ALA A 114 5.15 -3.29 0.41
C ALA A 114 5.22 -1.91 1.05
N PHE A 115 4.16 -1.53 1.76
CA PHE A 115 4.16 -0.30 2.59
C PHE A 115 3.27 -0.46 3.81
N SER A 116 3.52 0.37 4.82
CA SER A 116 2.71 0.37 6.04
C SER A 116 1.51 1.30 5.86
N VAL A 117 0.37 0.94 6.45
CA VAL A 117 -0.83 1.78 6.41
C VAL A 117 -1.20 2.09 7.84
N LEU A 118 -1.50 3.36 8.11
CA LEU A 118 -2.08 3.79 9.38
C LEU A 118 -3.54 4.10 9.15
N ALA A 119 -4.39 3.19 9.60
CA ALA A 119 -5.84 3.33 9.43
C ALA A 119 -6.40 4.25 10.51
N CYS A 120 -7.19 5.21 10.08
CA CYS A 120 -7.66 6.30 10.94
C CYS A 120 -9.16 6.50 10.74
N TYR A 121 -9.84 6.93 11.79
CA TYR A 121 -11.28 7.30 11.73
C TYR A 121 -11.46 8.59 12.52
N ASN A 122 -12.11 9.57 11.89
CA ASN A 122 -12.33 10.86 12.54
C ASN A 122 -11.05 11.49 13.09
N GLY A 123 -9.96 11.36 12.35
CA GLY A 123 -8.70 11.97 12.73
C GLY A 123 -7.93 11.18 13.80
N ARG A 124 -8.42 10.01 14.17
CA ARG A 124 -7.84 9.21 15.25
C ARG A 124 -7.28 7.90 14.72
N PRO A 125 -5.96 7.69 14.85
CA PRO A 125 -5.42 6.37 14.44
C PRO A 125 -6.01 5.21 15.23
N THR A 126 -6.37 4.15 14.52
CA THR A 126 -7.00 2.98 15.10
C THR A 126 -6.23 1.66 14.88
N GLY A 127 -5.43 1.57 13.83
CA GLY A 127 -4.71 0.35 13.56
C GLY A 127 -3.66 0.56 12.50
N THR A 128 -2.69 -0.33 12.47
CA THR A 128 -1.71 -0.31 11.41
C THR A 128 -1.46 -1.73 10.87
N PHE A 129 -1.18 -1.79 9.58
CA PHE A 129 -0.93 -3.04 8.90
C PHE A 129 -0.09 -2.78 7.66
N THR A 130 0.42 -3.86 7.07
CA THR A 130 1.25 -3.75 5.87
C THR A 130 0.53 -4.43 4.71
N VAL A 131 0.63 -3.79 3.54
CA VAL A 131 0.03 -4.31 2.32
C VAL A 131 1.07 -4.31 1.22
N VAL A 132 0.76 -5.01 0.13
CA VAL A 132 1.59 -5.02 -1.05
C VAL A 132 0.71 -4.48 -2.17
N MET A 133 1.24 -3.55 -2.96
CA MET A 133 0.53 -3.06 -4.14
C MET A 133 0.36 -4.23 -5.09
N ARG A 134 -0.88 -4.62 -5.37
CA ARG A 134 -1.11 -5.79 -6.20
C ARG A 134 -0.86 -5.53 -7.70
N PRO A 135 -0.65 -6.61 -8.48
CA PRO A 135 -0.40 -6.44 -9.93
C PRO A 135 -1.55 -5.80 -10.70
N ASN A 136 -2.74 -5.75 -10.08
CA ASN A 136 -3.87 -5.07 -10.69
C ASN A 136 -4.11 -3.71 -10.04
N TYR A 137 -3.10 -3.21 -9.33
CA TYR A 137 -3.14 -1.86 -8.77
C TYR A 137 -4.27 -1.66 -7.77
N THR A 138 -4.44 -2.65 -6.92
CA THR A 138 -5.29 -2.54 -5.75
C THR A 138 -4.45 -2.97 -4.54
N ILE A 139 -4.98 -2.77 -3.35
CA ILE A 139 -4.39 -3.37 -2.15
C ILE A 139 -5.45 -4.15 -1.41
N LYS A 140 -5.00 -5.15 -0.68
CA LYS A 140 -5.88 -6.01 0.11
CA LYS A 140 -5.88 -5.99 0.10
C LYS A 140 -5.76 -5.51 1.53
N GLY A 141 -6.63 -4.57 1.88
CA GLY A 141 -6.57 -3.97 3.19
C GLY A 141 -7.76 -4.33 4.07
N SER A 142 -7.96 -3.47 5.05
CA SER A 142 -9.06 -3.59 6.00
C SER A 142 -9.52 -2.20 6.32
N PHE A 143 -10.61 -1.78 5.67
CA PHE A 143 -11.08 -0.42 5.75
C PHE A 143 -12.57 -0.37 5.79
N LEU A 144 -13.11 0.50 6.65
CA LEU A 144 -14.55 0.74 6.75
C LEU A 144 -14.91 2.20 6.45
N GLY A 146 -15.43 5.86 6.96
CA GLY A 146 -14.75 6.76 7.87
C GLY A 146 -13.24 6.75 7.72
N SER A 147 -12.75 5.77 6.96
CA SER A 147 -11.30 5.52 6.85
C SER A 147 -10.59 6.30 5.76
N CYS A 148 -11.33 7.03 4.91
CA CYS A 148 -10.65 7.71 3.82
C CYS A 148 -9.73 8.82 4.38
N GLY A 149 -8.61 9.01 3.71
CA GLY A 149 -7.54 9.86 4.19
C GLY A 149 -6.51 9.11 5.04
N SER A 150 -6.80 7.86 5.39
CA SER A 150 -5.77 7.01 6.03
C SER A 150 -4.57 6.98 5.10
N VAL A 151 -3.35 6.90 5.66
CA VAL A 151 -2.17 7.01 4.79
C VAL A 151 -1.27 5.78 4.83
N GLY A 152 -0.57 5.57 3.71
CA GLY A 152 0.43 4.54 3.61
C GLY A 152 1.79 5.16 3.33
N TYR A 153 2.84 4.50 3.79
CA TYR A 153 4.21 5.04 3.75
CA TYR A 153 4.19 5.03 3.66
C TYR A 153 5.25 3.94 3.81
N THR A 154 6.42 4.24 3.27
CA THR A 154 7.64 3.47 3.53
C THR A 154 8.60 4.38 4.29
N LYS A 155 9.74 3.84 4.70
CA LYS A 155 10.74 4.65 5.37
C LYS A 155 12.12 4.32 4.82
N GLU A 156 12.97 5.34 4.81
CA GLU A 156 14.38 5.22 4.45
C GLU A 156 15.12 5.83 5.62
N GLY A 157 15.65 5.00 6.52
CA GLY A 157 16.13 5.51 7.79
C GLY A 157 15.01 6.23 8.50
N SER A 158 15.25 7.49 8.87
CA SER A 158 14.27 8.32 9.57
C SER A 158 13.33 9.05 8.60
N VAL A 159 13.65 8.99 7.31
CA VAL A 159 12.80 9.64 6.31
C VAL A 159 11.57 8.80 5.97
N ILE A 160 10.41 9.44 6.10
CA ILE A 160 9.12 8.86 5.71
C ILE A 160 8.77 9.22 4.27
N ASN A 161 8.51 8.19 3.47
CA ASN A 161 8.10 8.33 2.10
C ASN A 161 6.62 8.02 2.01
N PHE A 162 5.80 9.07 1.92
CA PHE A 162 4.37 8.89 1.85
C PHE A 162 4.00 8.48 0.44
N CYS A 163 3.20 7.43 0.32
CA CYS A 163 2.90 6.84 -0.99
C CYS A 163 1.44 6.51 -1.26
N TYR A 164 0.55 6.68 -0.29
CA TYR A 164 -0.83 6.24 -0.43
C TYR A 164 -1.76 7.03 0.49
N MET A 165 -2.85 7.50 -0.07
CA MET A 165 -3.94 8.08 0.74
C MET A 165 -5.24 7.39 0.36
N HIS A 166 -5.91 6.78 1.34
CA HIS A 166 -7.00 5.86 1.05
C HIS A 166 -8.25 6.58 0.50
N GLN A 167 -8.85 5.99 -0.53
CA GLN A 167 -10.01 6.57 -1.21
C GLN A 167 -11.24 5.67 -1.33
N MET A 168 -11.08 4.37 -1.62
CA MET A 168 -12.25 3.58 -1.97
CA MET A 168 -12.26 3.58 -1.95
C MET A 168 -12.11 2.07 -1.83
N GLU A 169 -13.27 1.40 -1.81
CA GLU A 169 -13.36 -0.06 -1.80
C GLU A 169 -13.96 -0.46 -3.14
N LEU A 170 -13.23 -1.31 -3.87
CA LEU A 170 -13.63 -1.73 -5.22
C LEU A 170 -14.45 -3.00 -5.23
N ALA A 171 -14.19 -3.85 -4.25
CA ALA A 171 -14.86 -5.13 -4.11
C ALA A 171 -14.52 -5.62 -2.70
N ASN A 172 -15.05 -6.77 -2.30
CA ASN A 172 -14.74 -7.27 -0.96
C ASN A 172 -13.23 -7.35 -0.75
N GLY A 173 -12.78 -6.77 0.36
CA GLY A 173 -11.39 -6.72 0.75
C GLY A 173 -10.40 -6.18 -0.28
N THR A 174 -10.89 -5.33 -1.21
CA THR A 174 -10.10 -4.85 -2.34
C THR A 174 -10.21 -3.33 -2.38
N HIS A 175 -9.07 -2.64 -2.27
CA HIS A 175 -9.03 -1.21 -2.03
C HIS A 175 -8.09 -0.45 -2.94
N THR A 176 -8.34 0.85 -3.10
CA THR A 176 -7.33 1.70 -3.71
C THR A 176 -7.41 3.15 -3.18
N GLY A 177 -6.41 3.93 -3.58
CA GLY A 177 -6.21 5.27 -3.07
C GLY A 177 -5.29 6.02 -4.00
N SER A 178 -4.89 7.22 -3.55
CA SER A 178 -4.08 8.14 -4.34
C SER A 178 -2.63 8.13 -3.97
N ALA A 179 -1.76 8.38 -4.95
CA ALA A 179 -0.42 8.89 -4.62
C ALA A 179 -0.57 10.39 -4.37
N PHE A 180 0.48 11.05 -3.89
CA PHE A 180 0.35 12.43 -3.45
C PHE A 180 0.55 13.44 -4.58
N ASP A 181 0.70 12.94 -5.82
CA ASP A 181 0.45 13.79 -7.02
C ASP A 181 -1.04 13.80 -7.37
N GLY A 182 -1.83 13.11 -6.57
CA GLY A 182 -3.27 13.08 -6.80
C GLY A 182 -3.76 12.02 -7.76
N THR A 183 -2.85 11.21 -8.32
CA THR A 183 -3.27 10.11 -9.19
C THR A 183 -3.72 8.91 -8.39
N MET A 184 -4.83 8.31 -8.81
CA MET A 184 -5.32 7.09 -8.20
C MET A 184 -4.53 5.89 -8.67
N TYR A 185 -4.08 5.01 -7.77
CA TYR A 185 -3.50 3.74 -8.22
C TYR A 185 -4.53 2.97 -9.04
N GLY A 186 -4.12 2.50 -10.22
CA GLY A 186 -5.00 1.77 -11.10
C GLY A 186 -5.92 2.66 -11.92
N ALA A 187 -5.83 3.96 -11.71
CA ALA A 187 -6.62 4.95 -12.48
C ALA A 187 -8.12 4.85 -12.26
N PHE A 188 -8.51 4.26 -11.15
CA PHE A 188 -9.91 4.20 -10.78
C PHE A 188 -10.44 5.60 -10.47
N MET A 189 -11.69 5.82 -10.84
CA MET A 189 -12.32 7.11 -10.62
C MET A 189 -12.89 7.19 -9.21
N ASP A 190 -12.80 8.38 -8.63
CA ASP A 190 -13.39 8.61 -7.31
C ASP A 190 -14.88 8.97 -7.43
N LYS A 191 -15.64 7.96 -7.85
CA LYS A 191 -17.09 8.03 -7.84
C LYS A 191 -17.64 6.64 -7.62
N GLN A 192 -18.93 6.54 -7.33
CA GLN A 192 -19.54 5.26 -7.02
C GLN A 192 -20.28 4.72 -8.23
N VAL A 193 -19.51 4.04 -9.08
CA VAL A 193 -20.01 3.43 -10.30
C VAL A 193 -19.28 2.11 -10.45
N HIS A 194 -19.79 1.20 -11.27
CA HIS A 194 -19.11 -0.06 -11.48
C HIS A 194 -17.78 0.16 -12.21
N GLN A 195 -16.71 -0.41 -11.67
CA GLN A 195 -15.36 -0.27 -12.23
C GLN A 195 -14.64 -1.60 -12.18
N VAL A 196 -14.41 -2.18 -13.34
CA VAL A 196 -13.78 -3.49 -13.41
CA VAL A 196 -13.78 -3.49 -13.42
C VAL A 196 -12.30 -3.41 -13.06
N GLN A 197 -11.78 -4.43 -12.40
CA GLN A 197 -10.35 -4.55 -12.13
C GLN A 197 -9.78 -5.69 -12.96
N LEU A 198 -8.51 -5.57 -13.26
CA LEU A 198 -7.77 -6.67 -13.84
C LEU A 198 -7.69 -7.80 -12.82
N THR A 199 -7.44 -9.01 -13.31
CA THR A 199 -7.24 -10.13 -12.41
C THR A 199 -5.95 -9.93 -11.60
N ASP A 200 -5.99 -10.39 -10.36
CA ASP A 200 -4.82 -10.41 -9.50
C ASP A 200 -3.88 -11.52 -9.98
N LYS A 201 -2.59 -11.38 -9.70
CA LYS A 201 -1.58 -12.35 -10.09
C LYS A 201 -0.67 -12.57 -8.90
N TYR A 202 0.02 -13.70 -8.85
CA TYR A 202 1.08 -13.87 -7.86
C TYR A 202 2.26 -13.00 -8.19
N CYS A 203 2.81 -12.35 -7.17
CA CYS A 203 4.03 -11.54 -7.31
C CYS A 203 5.23 -12.47 -7.23
N SER A 204 5.74 -12.90 -8.37
CA SER A 204 6.76 -13.95 -8.44
CA SER A 204 6.73 -13.97 -8.41
C SER A 204 8.02 -13.66 -7.63
N VAL A 205 8.53 -12.43 -7.70
CA VAL A 205 9.77 -12.08 -6.98
C VAL A 205 9.59 -12.18 -5.45
N ASN A 206 8.42 -11.82 -4.95
CA ASN A 206 8.11 -12.01 -3.53
C ASN A 206 7.94 -13.50 -3.18
N VAL A 207 7.39 -14.30 -4.08
CA VAL A 207 7.34 -15.73 -3.84
C VAL A 207 8.77 -16.26 -3.70
N VAL A 208 9.67 -15.83 -4.58
CA VAL A 208 11.04 -16.29 -4.55
C VAL A 208 11.70 -15.86 -3.23
N ALA A 209 11.44 -14.64 -2.78
CA ALA A 209 12.00 -14.16 -1.49
C ALA A 209 11.54 -15.02 -0.30
N TRP A 210 10.26 -15.36 -0.32
CA TRP A 210 9.66 -16.16 0.74
C TRP A 210 10.22 -17.58 0.74
N LEU A 211 10.49 -18.14 -0.44
CA LEU A 211 11.13 -19.45 -0.52
C LEU A 211 12.57 -19.38 0.06
N TYR A 212 13.32 -18.35 -0.30
CA TYR A 212 14.61 -18.12 0.36
C TYR A 212 14.46 -17.96 1.86
N ALA A 213 13.40 -17.29 2.29
CA ALA A 213 13.17 -17.12 3.72
C ALA A 213 12.95 -18.49 4.35
N ALA A 214 12.23 -19.35 3.64
CA ALA A 214 11.94 -20.70 4.13
C ALA A 214 13.24 -21.49 4.29
N ILE A 215 14.10 -21.47 3.27
CA ILE A 215 15.43 -22.09 3.38
C ILE A 215 16.23 -21.55 4.61
N LEU A 216 16.24 -20.24 4.80
CA LEU A 216 17.03 -19.65 5.88
C LEU A 216 16.49 -20.07 7.26
N ASN A 217 15.24 -20.53 7.30
CA ASN A 217 14.60 -20.93 8.56
C ASN A 217 14.46 -22.46 8.69
N GLY A 218 15.30 -23.20 7.98
CA GLY A 218 15.33 -24.64 8.09
C GLY A 218 14.33 -25.42 7.24
N CYS A 219 13.70 -24.75 6.28
CA CYS A 219 12.66 -25.37 5.46
C CYS A 219 13.06 -25.36 3.98
N ALA A 220 13.58 -26.48 3.49
CA ALA A 220 14.13 -26.55 2.12
C ALA A 220 13.80 -27.83 1.31
N TRP A 221 12.69 -28.50 1.61
CA TRP A 221 12.36 -29.76 0.92
C TRP A 221 12.08 -29.57 -0.56
N PHE A 222 11.71 -28.34 -0.92
CA PHE A 222 11.32 -28.02 -2.29
C PHE A 222 12.50 -27.71 -3.19
N VAL A 223 13.70 -27.68 -2.63
CA VAL A 223 14.89 -27.39 -3.45
C VAL A 223 15.46 -28.65 -4.11
N LYS A 224 15.57 -28.58 -5.43
CA LYS A 224 16.13 -29.66 -6.23
C LYS A 224 17.16 -29.08 -7.17
N PRO A 225 17.96 -29.95 -7.80
CA PRO A 225 18.89 -29.42 -8.80
C PRO A 225 18.22 -28.78 -10.01
N ASN A 226 16.99 -29.19 -10.34
CA ASN A 226 16.31 -28.72 -11.54
C ASN A 226 16.21 -27.19 -11.57
N ARG A 227 16.35 -26.61 -12.76
CA ARG A 227 16.34 -25.16 -12.93
CA ARG A 227 16.37 -25.16 -12.96
C ARG A 227 15.40 -24.76 -14.08
N THR A 228 14.79 -23.57 -13.93
CA THR A 228 14.03 -22.93 -15.00
C THR A 228 14.61 -21.54 -15.16
N SER A 229 14.93 -21.17 -16.40
CA SER A 229 15.57 -19.88 -16.67
C SER A 229 14.56 -18.75 -16.42
N VAL A 230 15.06 -17.56 -16.13
CA VAL A 230 14.14 -16.42 -15.97
C VAL A 230 13.29 -16.19 -17.24
N VAL A 231 13.90 -16.27 -18.41
CA VAL A 231 13.14 -16.01 -19.64
C VAL A 231 12.06 -17.07 -19.87
N SER A 232 12.38 -18.34 -19.58
CA SER A 232 11.40 -19.42 -19.73
CA SER A 232 11.40 -19.39 -19.75
C SER A 232 10.29 -19.28 -18.69
N PHE A 233 10.68 -19.02 -17.45
CA PHE A 233 9.72 -18.83 -16.37
C PHE A 233 8.73 -17.71 -16.71
N ASN A 234 9.24 -16.62 -17.27
CA ASN A 234 8.43 -15.43 -17.53
C ASN A 234 7.39 -15.67 -18.61
N GLU A 235 7.74 -16.46 -19.61
CA GLU A 235 6.75 -16.86 -20.61
C GLU A 235 5.65 -17.70 -19.97
N TRP A 236 6.05 -18.63 -19.12
CA TRP A 236 5.13 -19.48 -18.37
C TRP A 236 4.22 -18.64 -17.46
N ALA A 237 4.83 -17.65 -16.81
CA ALA A 237 4.17 -16.85 -15.79
C ALA A 237 2.95 -16.16 -16.37
N LEU A 238 3.16 -15.53 -17.51
CA LEU A 238 2.08 -14.85 -18.21
C LEU A 238 0.93 -15.77 -18.60
N ALA A 239 1.20 -17.06 -18.76
CA ALA A 239 0.14 -18.00 -19.09
C ALA A 239 -0.61 -18.52 -17.85
N ASN A 240 -0.07 -18.26 -16.66
CA ASN A 240 -0.49 -18.94 -15.44
C ASN A 240 -0.72 -18.03 -14.21
N GLN A 241 -0.98 -16.76 -14.45
CA GLN A 241 -1.39 -15.83 -13.40
C GLN A 241 -0.25 -15.54 -12.41
N PHE A 242 0.97 -15.47 -12.93
CA PHE A 242 2.13 -14.98 -12.20
C PHE A 242 2.71 -13.74 -12.87
N THR A 243 3.29 -12.86 -12.08
CA THR A 243 4.02 -11.74 -12.66
C THR A 243 5.31 -12.25 -13.26
N GLU A 244 5.85 -11.48 -14.20
CA GLU A 244 7.19 -11.73 -14.70
C GLU A 244 8.20 -11.38 -13.62
N PHE A 245 9.19 -12.26 -13.50
CA PHE A 245 10.22 -12.14 -12.50
C PHE A 245 11.26 -11.11 -12.94
N VAL A 246 11.59 -10.19 -12.03
CA VAL A 246 12.69 -9.25 -12.23
C VAL A 246 13.63 -9.36 -11.04
N GLY A 247 14.86 -9.77 -11.30
CA GLY A 247 15.85 -9.87 -10.24
C GLY A 247 16.34 -8.52 -9.74
N THR A 248 16.82 -8.50 -8.51
CA THR A 248 17.40 -7.31 -7.89
C THR A 248 18.59 -7.73 -7.06
N GLN A 249 19.39 -6.77 -6.62
CA GLN A 249 20.51 -7.08 -5.72
C GLN A 249 20.02 -7.67 -4.40
N SER A 250 18.85 -7.25 -3.95
CA SER A 250 18.28 -7.78 -2.71
C SER A 250 18.04 -9.30 -2.85
N VAL A 251 17.52 -9.73 -3.99
CA VAL A 251 17.35 -11.15 -4.26
C VAL A 251 18.69 -11.84 -4.39
N ASP A 252 19.63 -11.19 -5.05
CA ASP A 252 20.94 -11.79 -5.22
C ASP A 252 21.59 -12.08 -3.88
N MET A 253 21.35 -11.22 -2.90
CA MET A 253 21.96 -11.39 -1.58
C MET A 253 21.45 -12.65 -0.91
N LEU A 254 20.20 -12.99 -1.21
CA LEU A 254 19.58 -14.20 -0.67
C LEU A 254 20.10 -15.46 -1.35
N ALA A 255 20.34 -15.37 -2.66
CA ALA A 255 20.90 -16.48 -3.43
C ALA A 255 22.32 -16.79 -2.99
N VAL A 256 23.11 -15.75 -2.76
CA VAL A 256 24.49 -15.95 -2.29
C VAL A 256 24.52 -16.58 -0.91
N LYS A 257 23.71 -16.03 0.01
CA LYS A 257 23.69 -16.49 1.38
C LYS A 257 23.28 -17.95 1.47
N THR A 258 22.32 -18.36 0.66
CA THR A 258 21.80 -19.73 0.74
C THR A 258 22.50 -20.71 -0.20
N GLY A 259 23.20 -20.20 -1.21
CA GLY A 259 23.76 -21.04 -2.25
C GLY A 259 22.76 -21.67 -3.22
N VAL A 260 21.50 -21.24 -3.16
CA VAL A 260 20.45 -21.75 -4.05
C VAL A 260 20.20 -20.70 -5.11
N ALA A 261 20.22 -21.12 -6.37
CA ALA A 261 20.05 -20.23 -7.50
C ALA A 261 18.57 -19.84 -7.66
N ILE A 262 18.36 -18.60 -8.08
CA ILE A 262 17.02 -18.13 -8.41
C ILE A 262 16.29 -19.14 -9.28
N GLU A 263 17.00 -19.70 -10.25
CA GLU A 263 16.42 -20.60 -11.24
C GLU A 263 15.92 -21.91 -10.64
N GLN A 264 16.51 -22.34 -9.53
CA GLN A 264 16.02 -23.51 -8.83
C GLN A 264 14.69 -23.22 -8.19
N LEU A 265 14.50 -21.97 -7.75
CA LEU A 265 13.28 -21.62 -7.05
C LEU A 265 12.19 -21.32 -8.09
N LEU A 266 12.57 -20.90 -9.29
CA LEU A 266 11.59 -20.71 -10.36
C LEU A 266 11.00 -22.04 -10.81
N TYR A 267 11.85 -23.06 -10.91
CA TYR A 267 11.39 -24.42 -11.18
C TYR A 267 10.42 -24.91 -10.10
N ALA A 268 10.82 -24.72 -8.84
CA ALA A 268 10.00 -25.12 -7.71
C ALA A 268 8.59 -24.54 -7.79
N ILE A 269 8.51 -23.22 -8.03
CA ILE A 269 7.22 -22.54 -8.17
C ILE A 269 6.36 -23.27 -9.18
N GLN A 270 6.96 -23.61 -10.30
CA GLN A 270 6.23 -24.27 -11.38
C GLN A 270 5.69 -25.64 -10.96
N GLN A 271 6.29 -26.24 -9.94
CA GLN A 271 5.79 -27.52 -9.42
C GLN A 271 4.79 -27.35 -8.30
N LEU A 272 4.89 -26.21 -7.61
CA LEU A 272 4.17 -25.98 -6.38
C LEU A 272 2.85 -25.24 -6.52
N TYR A 273 2.66 -24.58 -7.67
CA TYR A 273 1.54 -23.66 -7.80
C TYR A 273 0.18 -24.35 -7.84
N THR A 274 0.15 -25.63 -8.22
CA THR A 274 -1.10 -26.40 -8.21
C THR A 274 -1.39 -27.00 -6.82
N GLY A 275 -0.50 -26.75 -5.87
CA GLY A 275 -0.64 -27.29 -4.51
C GLY A 275 0.60 -28.04 -4.03
N PHE A 276 0.78 -28.09 -2.72
CA PHE A 276 1.95 -28.72 -2.12
C PHE A 276 1.70 -30.18 -1.80
N GLN A 277 0.50 -30.68 -2.11
CA GLN A 277 0.14 -32.09 -1.93
C GLN A 277 0.45 -32.64 -0.53
N GLY A 278 0.02 -31.92 0.50
CA GLY A 278 0.12 -32.38 1.87
C GLY A 278 1.20 -31.68 2.68
N LYS A 279 2.18 -31.12 1.98
CA LYS A 279 3.30 -30.47 2.64
C LYS A 279 3.02 -28.99 2.93
N GLN A 280 3.90 -28.41 3.73
CA GLN A 280 3.78 -27.02 4.16
CA GLN A 280 3.79 -27.03 4.19
C GLN A 280 5.13 -26.32 4.03
N ILE A 281 5.08 -25.01 3.90
CA ILE A 281 6.29 -24.20 3.84
C ILE A 281 6.07 -23.05 4.80
N LEU A 282 6.86 -23.02 5.88
CA LEU A 282 6.67 -22.00 6.90
C LEU A 282 5.22 -21.86 7.34
N GLY A 283 4.55 -23.01 7.50
CA GLY A 283 3.20 -23.06 8.02
C GLY A 283 2.11 -22.75 7.02
N SER A 284 2.49 -22.54 5.77
CA SER A 284 1.52 -22.26 4.71
CA SER A 284 1.53 -22.25 4.69
C SER A 284 1.43 -23.42 3.71
N THR A 285 0.25 -23.60 3.10
CA THR A 285 0.08 -24.62 2.07
C THR A 285 -0.22 -24.02 0.70
N MET A 286 0.04 -22.71 0.56
CA MET A 286 0.05 -22.08 -0.75
CA MET A 286 -0.01 -22.01 -0.72
C MET A 286 1.18 -21.05 -0.81
N LEU A 287 1.53 -20.67 -2.03
CA LEU A 287 2.62 -19.72 -2.24
C LEU A 287 2.25 -18.39 -1.60
N GLU A 288 3.17 -17.83 -0.83
CA GLU A 288 2.99 -16.53 -0.17
C GLU A 288 3.74 -15.49 -0.95
N ASP A 289 3.11 -14.35 -1.26
CA ASP A 289 3.72 -13.37 -2.14
C ASP A 289 3.65 -11.96 -1.55
N GLU A 290 3.47 -11.80 -0.24
CA GLU A 290 3.47 -10.41 0.29
C GLU A 290 4.66 -10.15 1.22
N PHE A 291 5.71 -10.97 1.11
CA PHE A 291 7.00 -10.70 1.74
C PHE A 291 8.02 -10.40 0.65
N THR A 292 8.54 -9.19 0.64
CA THR A 292 9.50 -8.76 -0.37
C THR A 292 10.93 -9.21 -0.08
N PRO A 293 11.83 -9.11 -1.09
CA PRO A 293 13.23 -9.48 -0.81
C PRO A 293 13.83 -8.60 0.29
N GLU A 294 13.46 -7.32 0.32
CA GLU A 294 13.95 -6.38 1.33
C GLU A 294 13.44 -6.73 2.73
N ASP A 295 12.21 -7.21 2.78
CA ASP A 295 11.56 -7.58 4.02
C ASP A 295 12.27 -8.80 4.61
N VAL A 296 12.52 -9.80 3.76
CA VAL A 296 13.25 -11.00 4.16
C VAL A 296 14.67 -10.66 4.59
N ASN A 297 15.39 -9.89 3.77
CA ASN A 297 16.72 -9.49 4.20
C ASN A 297 16.72 -8.76 5.57
N MET A 298 15.76 -7.88 5.80
CA MET A 298 15.69 -7.13 7.05
C MET A 298 15.32 -8.02 8.25
N GLN A 299 14.29 -8.83 8.11
CA GLN A 299 13.80 -9.60 9.24
C GLN A 299 14.69 -10.73 9.65
N ILE A 300 15.27 -11.42 8.66
CA ILE A 300 16.01 -12.64 8.91
C ILE A 300 17.50 -12.41 9.04
N MET A 301 18.06 -11.52 8.22
CA MET A 301 19.50 -11.31 8.19
C MET A 301 19.91 -9.97 8.80
N GLY A 302 18.93 -9.20 9.23
CA GLY A 302 19.19 -7.91 9.85
C GLY A 302 19.84 -6.88 8.95
N VAL A 303 19.64 -6.98 7.64
CA VAL A 303 20.26 -6.04 6.70
C VAL A 303 19.25 -5.07 6.06
N VAL A 304 19.63 -3.80 6.02
CA VAL A 304 18.78 -2.74 5.50
C VAL A 304 19.50 -2.00 4.36
N SER B 2 -18.08 0.84 -7.14
CA SER B 2 -17.09 1.06 -6.16
C SER B 2 -17.74 1.88 -5.06
N VAL B 3 -17.12 1.85 -3.74
CA VAL B 3 -17.69 2.57 -2.67
C VAL B 3 -16.68 3.59 -2.18
N LEU B 4 -17.02 4.97 -2.06
CA LEU B 4 -16.03 5.88 -1.58
C LEU B 4 -15.96 5.65 -0.07
#